data_4CCV
#
_entry.id   4CCV
#
_cell.length_a   77.138
_cell.length_b   77.138
_cell.length_c   69.360
_cell.angle_alpha   90.00
_cell.angle_beta   90.00
_cell.angle_gamma   120.00
#
_symmetry.space_group_name_H-M   'P 31 2 1'
#
loop_
_entity.id
_entity.type
_entity.pdbx_description
1 polymer 'HISTIDINE-RICH GLYCOPROTEIN'
2 branched beta-D-mannopyranose-(1-4)-2-acetamido-2-deoxy-beta-D-glucopyranose-(1-4)-2-acetamido-2-deoxy-beta-D-glucopyranose
3 non-polymer GLUTATHIONE
4 non-polymer GLYCEROL
5 water water
#
_entity_poly.entity_id   1
_entity_poly.type   'polypeptide(L)'
_entity_poly.pdbx_seq_one_letter_code
;SPVLFDFIEDTEPFRKSADKALEVYKSESEAYASFRVDRVERVTRVKGGERTNYYVDFSVRNCSRSHFHRHPAFGFCRAD
LSFDVEASNLENPEDVIISCEVFNFEEHGNISGFR
;
_entity_poly.pdbx_strand_id   A
#
loop_
_chem_comp.id
_chem_comp.type
_chem_comp.name
_chem_comp.formula
BMA D-saccharide, beta linking beta-D-mannopyranose 'C6 H12 O6'
GOL non-polymer GLYCEROL 'C3 H8 O3'
GSH non-polymer GLUTATHIONE 'C10 H17 N3 O6 S'
NAG D-saccharide, beta linking 2-acetamido-2-deoxy-beta-D-glucopyranose 'C8 H15 N O6'
#
# COMPACT_ATOMS: atom_id res chain seq x y z
N SER A 1 -7.36 -16.64 24.36
CA SER A 1 -7.80 -15.46 23.53
C SER A 1 -7.89 -15.76 21.98
N PRO A 2 -9.09 -15.69 21.39
CA PRO A 2 -9.21 -16.06 19.96
C PRO A 2 -8.73 -14.96 19.06
N VAL A 3 -8.22 -15.30 17.89
CA VAL A 3 -7.79 -14.32 16.94
C VAL A 3 -8.89 -14.23 15.85
N LEU A 4 -9.32 -13.01 15.51
CA LEU A 4 -10.41 -12.77 14.58
C LEU A 4 -9.86 -12.10 13.32
N PHE A 5 -10.20 -12.65 12.16
CA PHE A 5 -9.75 -12.22 10.85
C PHE A 5 -11.03 -11.81 10.09
N ASP A 6 -11.06 -10.58 9.61
CA ASP A 6 -12.20 -10.13 8.76
C ASP A 6 -11.84 -8.96 7.91
N PHE A 7 -12.80 -8.44 7.15
CA PHE A 7 -12.52 -7.39 6.14
C PHE A 7 -13.33 -6.16 6.42
N ILE A 8 -12.77 -5.00 6.13
CA ILE A 8 -13.50 -3.76 6.27
C ILE A 8 -14.03 -3.37 4.87
N GLU A 9 -15.33 -3.27 4.72
CA GLU A 9 -15.97 -2.97 3.43
C GLU A 9 -15.72 -1.52 3.00
N ASP A 10 -15.83 -0.56 3.92
CA ASP A 10 -15.55 0.85 3.58
C ASP A 10 -14.08 1.21 3.75
N THR A 11 -13.34 1.20 2.65
CA THR A 11 -11.90 1.37 2.67
C THR A 11 -11.44 2.83 2.61
N GLU A 12 -12.33 3.74 2.22
CA GLU A 12 -11.93 5.14 2.07
C GLU A 12 -11.27 5.79 3.29
N PRO A 13 -11.70 5.44 4.50
CA PRO A 13 -10.97 5.95 5.67
C PRO A 13 -9.51 5.46 5.81
N PHE A 14 -9.08 4.51 4.96
CA PHE A 14 -7.71 3.98 5.01
C PHE A 14 -6.86 4.65 3.95
N ARG A 15 -7.43 5.58 3.20
CA ARG A 15 -6.67 6.20 2.13
C ARG A 15 -5.51 7.00 2.63
N LYS A 16 -5.72 7.75 3.71
CA LYS A 16 -4.66 8.55 4.27
C LYS A 16 -3.53 7.68 4.84
N SER A 17 -3.94 6.53 5.39
CA SER A 17 -2.99 5.58 5.92
C SER A 17 -2.09 5.05 4.77
N ALA A 18 -2.70 4.78 3.62
CA ALA A 18 -1.94 4.31 2.43
C ALA A 18 -1.01 5.38 1.96
N ASP A 19 -1.51 6.63 1.85
CA ASP A 19 -0.65 7.78 1.49
C ASP A 19 0.57 7.88 2.39
N LYS A 20 0.33 7.87 3.70
CA LYS A 20 1.44 7.98 4.64
C LYS A 20 2.40 6.76 4.60
N ALA A 21 1.88 5.56 4.46
CA ALA A 21 2.76 4.43 4.35
C ALA A 21 3.62 4.50 3.08
N LEU A 22 3.04 4.90 1.97
CA LEU A 22 3.85 5.10 0.78
C LEU A 22 4.95 6.17 0.95
N GLU A 23 4.62 7.24 1.65
CA GLU A 23 5.54 8.33 1.92
CA GLU A 23 5.60 8.29 1.83
C GLU A 23 6.74 7.77 2.67
N VAL A 24 6.45 6.96 3.68
CA VAL A 24 7.52 6.33 4.48
C VAL A 24 8.33 5.35 3.61
N TYR A 25 7.65 4.53 2.83
CA TYR A 25 8.35 3.56 2.01
C TYR A 25 9.35 4.22 1.06
N LYS A 26 8.88 5.24 0.33
CA LYS A 26 9.69 5.95 -0.63
C LYS A 26 10.84 6.68 0.00
N SER A 27 10.77 7.06 1.29
CA SER A 27 11.91 7.71 1.95
C SER A 27 13.11 6.78 2.08
N GLU A 28 12.87 5.47 2.08
CA GLU A 28 13.95 4.48 2.10
C GLU A 28 14.31 3.87 0.78
N SER A 29 13.58 4.19 -0.28
CA SER A 29 13.77 3.45 -1.52
C SER A 29 13.62 4.45 -2.64
N GLU A 30 14.73 5.03 -3.02
CA GLU A 30 14.77 6.20 -3.88
C GLU A 30 14.09 6.00 -5.27
N ALA A 31 14.02 4.76 -5.76
CA ALA A 31 13.41 4.47 -7.09
C ALA A 31 11.90 4.75 -7.04
N TYR A 32 11.37 4.77 -5.83
CA TYR A 32 9.98 5.10 -5.57
C TYR A 32 9.65 6.56 -5.29
N ALA A 33 10.56 7.48 -5.49
CA ALA A 33 10.33 8.90 -5.14
C ALA A 33 9.08 9.52 -5.82
N SER A 34 8.78 9.11 -7.06
CA SER A 34 7.67 9.72 -7.81
C SER A 34 6.32 9.02 -7.58
N PHE A 35 6.25 8.03 -6.70
CA PHE A 35 5.08 7.16 -6.66
C PHE A 35 3.88 7.81 -5.92
N ARG A 36 2.66 7.47 -6.35
CA ARG A 36 1.43 7.92 -5.69
C ARG A 36 0.42 6.78 -5.60
N VAL A 37 -0.43 6.81 -4.58
CA VAL A 37 -1.44 5.77 -4.38
C VAL A 37 -2.46 5.92 -5.47
N ASP A 38 -2.83 4.78 -6.05
CA ASP A 38 -3.88 4.73 -7.07
C ASP A 38 -5.20 4.50 -6.27
N ARG A 39 -5.50 3.26 -5.86
CA ARG A 39 -6.77 2.93 -5.16
C ARG A 39 -6.40 2.08 -3.95
N VAL A 40 -7.15 2.25 -2.85
CA VAL A 40 -7.13 1.27 -1.77
C VAL A 40 -7.96 0.10 -2.24
N GLU A 41 -7.37 -1.10 -2.28
CA GLU A 41 -8.01 -2.27 -2.88
C GLU A 41 -8.75 -3.20 -1.91
N ARG A 42 -8.27 -3.27 -0.69
CA ARG A 42 -8.75 -4.22 0.31
C ARG A 42 -8.17 -3.85 1.67
N VAL A 43 -8.96 -4.03 2.73
CA VAL A 43 -8.46 -3.83 4.09
C VAL A 43 -8.93 -5.01 4.93
N THR A 44 -7.94 -5.67 5.52
CA THR A 44 -8.15 -6.84 6.38
C THR A 44 -7.82 -6.45 7.81
N ARG A 45 -8.66 -6.85 8.75
CA ARG A 45 -8.47 -6.53 10.17
C ARG A 45 -8.17 -7.84 10.87
N VAL A 46 -7.13 -7.85 11.69
CA VAL A 46 -6.85 -9.01 12.52
C VAL A 46 -6.78 -8.49 13.94
N LYS A 47 -7.57 -9.07 14.83
CA LYS A 47 -7.73 -8.59 16.19
C LYS A 47 -7.20 -9.71 17.03
N GLY A 48 -6.20 -9.39 17.82
CA GLY A 48 -5.56 -10.37 18.73
C GLY A 48 -5.69 -9.88 20.15
N GLY A 49 -5.22 -10.70 21.08
CA GLY A 49 -5.04 -10.27 22.48
C GLY A 49 -4.26 -8.97 22.72
N GLU A 50 -3.37 -8.56 21.80
CA GLU A 50 -2.41 -7.48 22.11
C GLU A 50 -2.50 -6.24 21.22
N ARG A 51 -2.57 -6.48 19.91
CA ARG A 51 -2.74 -5.44 18.92
C ARG A 51 -3.91 -5.79 18.03
N THR A 52 -4.44 -4.74 17.40
CA THR A 52 -5.27 -4.82 16.26
C THR A 52 -4.40 -4.43 15.05
N ASN A 53 -4.24 -5.35 14.11
CA ASN A 53 -3.52 -5.08 12.87
C ASN A 53 -4.49 -4.85 11.72
N TYR A 54 -4.25 -3.81 10.92
CA TYR A 54 -4.98 -3.58 9.66
C TYR A 54 -4.00 -3.73 8.55
N TYR A 55 -4.36 -4.52 7.54
CA TYR A 55 -3.52 -4.77 6.38
C TYR A 55 -4.20 -4.06 5.24
N VAL A 56 -3.57 -2.96 4.83
CA VAL A 56 -4.17 -2.07 3.85
C VAL A 56 -3.47 -2.40 2.55
N ASP A 57 -4.21 -2.95 1.57
CA ASP A 57 -3.66 -3.39 0.28
C ASP A 57 -4.06 -2.32 -0.71
N PHE A 58 -3.07 -1.75 -1.38
CA PHE A 58 -3.27 -0.59 -2.25
C PHE A 58 -2.46 -0.64 -3.52
N SER A 59 -3.00 -0.03 -4.60
CA SER A 59 -2.29 0.07 -5.84
C SER A 59 -1.55 1.39 -5.85
N VAL A 60 -0.45 1.42 -6.58
CA VAL A 60 0.38 2.59 -6.78
C VAL A 60 0.73 2.82 -8.26
N ARG A 61 1.10 4.04 -8.62
CA ARG A 61 1.60 4.38 -9.93
C ARG A 61 2.96 5.07 -9.83
N ASN A 62 3.81 4.78 -10.80
CA ASN A 62 5.12 5.40 -10.92
C ASN A 62 4.97 6.64 -11.76
N CYS A 63 4.79 7.79 -11.10
CA CYS A 63 4.43 8.99 -11.87
C CYS A 63 5.53 9.50 -12.77
N SER A 64 6.78 9.07 -12.57
CA SER A 64 7.81 9.53 -13.50
C SER A 64 7.55 8.89 -14.89
N ARG A 65 6.92 7.72 -14.89
CA ARG A 65 6.50 7.10 -16.16
C ARG A 65 5.26 7.74 -16.81
N SER A 66 4.66 8.77 -16.21
CA SER A 66 3.64 9.54 -16.92
C SER A 66 4.27 10.56 -17.83
N HIS A 67 5.58 10.76 -17.74
CA HIS A 67 6.23 11.73 -18.59
C HIS A 67 6.96 11.05 -19.70
N PHE A 68 7.15 11.80 -20.78
CA PHE A 68 8.01 11.37 -21.92
C PHE A 68 7.54 10.08 -22.61
N HIS A 69 6.23 9.81 -22.55
CA HIS A 69 5.62 8.62 -23.21
C HIS A 69 6.31 7.34 -22.78
N ARG A 70 6.69 7.29 -21.49
CA ARG A 70 7.43 6.14 -20.98
C ARG A 70 6.57 4.89 -20.94
N HIS A 71 7.19 3.73 -20.76
CA HIS A 71 6.45 2.50 -20.51
C HIS A 71 5.64 2.67 -19.19
N PRO A 72 4.35 2.32 -19.21
CA PRO A 72 3.51 2.34 -18.01
C PRO A 72 4.04 1.41 -16.90
N ALA A 73 3.71 1.75 -15.64
CA ALA A 73 4.06 0.90 -14.51
C ALA A 73 2.95 0.96 -13.47
N PHE A 74 2.88 -0.10 -12.68
CA PHE A 74 1.84 -0.24 -11.64
C PHE A 74 2.52 -0.98 -10.52
N GLY A 75 2.05 -0.81 -9.29
CA GLY A 75 2.55 -1.63 -8.19
C GLY A 75 1.46 -1.99 -7.23
N PHE A 76 1.70 -3.00 -6.41
CA PHE A 76 0.82 -3.29 -5.29
C PHE A 76 1.66 -3.13 -4.03
N CYS A 77 1.08 -2.54 -2.96
CA CYS A 77 1.69 -2.45 -1.66
C CYS A 77 0.74 -3.02 -0.62
N ARG A 78 1.33 -3.52 0.45
CA ARG A 78 0.60 -3.84 1.66
C ARG A 78 1.27 -3.09 2.80
N ALA A 79 0.46 -2.35 3.56
CA ALA A 79 0.87 -1.72 4.79
C ALA A 79 0.21 -2.42 5.95
N ASP A 80 1.03 -2.83 6.89
CA ASP A 80 0.55 -3.47 8.08
C ASP A 80 0.54 -2.40 9.16
N LEU A 81 -0.63 -1.95 9.59
CA LEU A 81 -0.70 -0.94 10.67
C LEU A 81 -1.09 -1.63 11.98
N SER A 82 -0.23 -1.49 12.97
CA SER A 82 -0.43 -2.13 14.23
C SER A 82 -0.86 -1.11 15.28
N PHE A 83 -2.01 -1.36 15.88
CA PHE A 83 -2.63 -0.44 16.81
C PHE A 83 -2.78 -1.03 18.20
N ASP A 84 -2.53 -0.16 19.18
CA ASP A 84 -2.95 -0.41 20.54
C ASP A 84 -4.43 -0.81 20.51
N VAL A 85 -4.82 -1.85 21.23
CA VAL A 85 -6.26 -2.18 21.26
C VAL A 85 -7.17 -1.05 21.78
N GLU A 86 -6.60 -0.05 22.48
CA GLU A 86 -7.37 1.09 23.01
C GLU A 86 -7.47 2.33 22.09
N ALA A 87 -6.82 2.28 20.94
CA ALA A 87 -6.83 3.37 19.98
C ALA A 87 -8.26 3.72 19.56
N SER A 88 -8.53 5.02 19.42
CA SER A 88 -9.87 5.50 19.12
C SER A 88 -10.07 5.88 17.65
N ASN A 89 -8.97 5.96 16.92
CA ASN A 89 -9.03 6.23 15.50
C ASN A 89 -7.81 5.63 14.81
N LEU A 90 -7.68 5.89 13.52
CA LEU A 90 -6.64 5.29 12.68
C LEU A 90 -5.37 6.08 12.62
N GLU A 91 -5.31 7.22 13.30
CA GLU A 91 -4.26 8.19 13.06
C GLU A 91 -2.88 7.84 13.55
N ASN A 92 -2.77 6.96 14.54
CA ASN A 92 -1.53 6.83 15.29
C ASN A 92 -1.13 5.38 15.57
N PRO A 93 -0.90 4.62 14.51
CA PRO A 93 -0.39 3.28 14.77
C PRO A 93 0.92 3.25 15.54
N GLU A 94 1.09 2.22 16.38
CA GLU A 94 2.32 2.07 17.16
C GLU A 94 3.48 1.82 16.24
N ASP A 95 3.21 1.06 15.19
CA ASP A 95 4.17 0.82 14.12
C ASP A 95 3.56 0.38 12.80
N VAL A 96 4.35 0.46 11.74
CA VAL A 96 3.88 0.20 10.39
C VAL A 96 4.97 -0.58 9.66
N ILE A 97 4.58 -1.64 8.93
CA ILE A 97 5.46 -2.37 8.05
C ILE A 97 4.89 -2.32 6.62
N ILE A 98 5.72 -1.89 5.67
CA ILE A 98 5.28 -1.78 4.27
CA ILE A 98 5.30 -1.71 4.26
C ILE A 98 6.23 -2.47 3.27
N SER A 99 5.62 -3.23 2.39
CA SER A 99 6.26 -3.78 1.22
C SER A 99 5.47 -3.42 -0.03
N CYS A 100 6.21 -3.32 -1.14
CA CYS A 100 5.68 -3.02 -2.42
C CYS A 100 6.35 -3.87 -3.51
N GLU A 101 5.61 -4.10 -4.59
CA GLU A 101 6.11 -4.85 -5.76
C GLU A 101 5.60 -4.09 -6.97
N VAL A 102 6.44 -3.94 -8.00
CA VAL A 102 6.12 -3.14 -9.17
C VAL A 102 5.99 -4.07 -10.38
N PHE A 103 5.20 -3.65 -11.33
CA PHE A 103 4.86 -4.41 -12.54
C PHE A 103 5.09 -3.41 -13.68
N ASN A 104 6.19 -3.57 -14.42
CA ASN A 104 6.57 -2.68 -15.53
C ASN A 104 6.14 -3.27 -16.90
N PHE A 105 5.43 -2.48 -17.67
CA PHE A 105 4.91 -2.86 -18.96
C PHE A 105 5.94 -3.58 -19.85
N GLU A 106 7.15 -3.05 -19.87
CA GLU A 106 8.21 -3.54 -20.76
C GLU A 106 8.98 -4.81 -20.26
N GLU A 107 8.72 -5.29 -19.04
CA GLU A 107 9.47 -6.41 -18.52
C GLU A 107 8.74 -7.75 -18.55
N HIS A 108 7.60 -7.82 -19.23
CA HIS A 108 6.73 -8.99 -19.14
C HIS A 108 6.17 -9.29 -20.51
N GLY A 109 6.41 -10.51 -20.96
CA GLY A 109 5.89 -11.00 -22.22
C GLY A 109 6.30 -10.14 -23.40
N ASN A 110 5.45 -10.16 -24.42
CA ASN A 110 5.72 -9.56 -25.70
C ASN A 110 4.92 -8.28 -25.87
N ILE A 111 4.36 -7.76 -24.77
CA ILE A 111 3.40 -6.65 -24.88
C ILE A 111 4.14 -5.36 -25.26
N SER A 112 5.45 -5.25 -25.03
CA SER A 112 6.19 -4.07 -25.51
C SER A 112 6.77 -4.19 -26.96
N GLY A 113 6.46 -5.29 -27.66
CA GLY A 113 6.74 -5.43 -29.11
C GLY A 113 5.76 -4.79 -30.09
N PHE A 114 6.16 -4.83 -31.38
CA PHE A 114 5.39 -4.25 -32.46
C PHE A 114 4.94 -5.40 -33.35
N ARG A 115 4.22 -5.08 -34.42
CA ARG A 115 3.62 -6.10 -35.27
C ARG A 115 4.65 -7.13 -35.79
C1 NAG B . 9.82 4.45 -11.95
C2 NAG B . 10.80 3.39 -11.51
C3 NAG B . 12.18 3.99 -11.66
C4 NAG B . 12.47 4.55 -13.02
C5 NAG B . 11.40 5.52 -13.50
C6 NAG B . 11.54 5.83 -15.01
C7 NAG B . 10.49 1.78 -9.65
C8 NAG B . 10.43 1.51 -8.15
N2 NAG B . 10.68 3.01 -10.11
O3 NAG B . 13.10 3.00 -11.36
O4 NAG B . 13.64 5.30 -12.88
O5 NAG B . 10.11 4.97 -13.25
O6 NAG B . 11.55 4.57 -15.69
O7 NAG B . 10.29 0.82 -10.37
C1 NAG B . 14.65 4.88 -13.80
C2 NAG B . 15.67 6.01 -14.01
C3 NAG B . 16.81 5.53 -14.90
C4 NAG B . 17.34 4.22 -14.40
C5 NAG B . 16.22 3.21 -14.25
C6 NAG B . 16.78 1.89 -13.74
C7 NAG B . 14.67 8.22 -14.30
C8 NAG B . 14.05 9.16 -15.30
N2 NAG B . 15.06 7.07 -14.78
O3 NAG B . 17.80 6.53 -14.88
O4 NAG B . 18.26 3.73 -15.35
O5 NAG B . 15.27 3.72 -13.33
O6 NAG B . 17.42 2.20 -12.53
O7 NAG B . 14.78 8.53 -13.12
C1 BMA B . 19.59 3.66 -14.81
C2 BMA B . 20.34 2.48 -15.43
C3 BMA B . 21.79 2.43 -14.95
C4 BMA B . 22.43 3.81 -14.99
C5 BMA B . 21.53 4.86 -14.35
C6 BMA B . 22.09 6.26 -14.51
O2 BMA B . 20.28 2.52 -16.85
O3 BMA B . 22.55 1.50 -15.73
O4 BMA B . 23.62 3.74 -14.24
O5 BMA B . 20.29 4.86 -15.02
O6 BMA B . 21.46 6.84 -15.63
N1 GSH C . -3.70 7.22 -11.89
CA1 GSH C . -4.28 8.17 -10.97
C1 GSH C . -4.83 9.33 -11.81
O11 GSH C . -5.67 9.04 -12.71
O12 GSH C . -4.49 10.51 -11.65
CB1 GSH C . -3.20 8.37 -9.93
CG1 GSH C . -3.12 9.79 -9.40
CD1 GSH C . -2.05 10.63 -10.08
OE1 GSH C . -1.76 11.62 -9.48
N2 GSH C . -1.41 10.35 -11.25
CA2 GSH C . -0.38 11.28 -11.72
C2 GSH C . -0.86 12.59 -12.31
O2 GSH C . -0.04 13.50 -12.40
CB2 GSH C . 0.54 10.57 -12.68
SG2 GSH C . 1.08 9.02 -11.86
N3 GSH C . -2.13 12.66 -12.77
CA3 GSH C . -2.69 13.77 -13.58
C3 GSH C . -2.40 15.14 -13.04
O31 GSH C . -2.79 15.42 -11.88
O32 GSH C . -1.76 15.96 -13.77
C1 GOL D . 10.59 4.28 -20.88
O1 GOL D . 9.85 3.47 -21.79
C2 GOL D . 10.49 3.84 -19.43
O2 GOL D . 10.86 2.46 -19.31
C3 GOL D . 11.39 4.69 -18.49
O3 GOL D . 12.31 5.63 -19.12
C1 GOL E . 1.81 6.70 -15.37
O1 GOL E . 0.69 6.98 -14.50
C2 GOL E . 2.37 5.28 -15.19
O2 GOL E . 1.60 4.28 -15.92
C3 GOL E . 2.40 5.00 -13.69
O3 GOL E . 3.28 3.96 -13.29
C1 GOL F . 4.50 -6.34 4.11
O1 GOL F . 3.76 -5.25 4.67
C2 GOL F . 4.45 -7.57 5.01
O2 GOL F . 5.23 -8.62 4.41
C3 GOL F . 3.02 -8.06 5.21
O3 GOL F . 2.34 -7.46 6.33
#